data_8Z6E
#
_entry.id   8Z6E
#
_cell.length_a   48.999
_cell.length_b   47.760
_cell.length_c   80.451
_cell.angle_alpha   90.000
_cell.angle_beta   98.570
_cell.angle_gamma   90.000
#
_symmetry.space_group_name_H-M   'P 1 21 1'
#
loop_
_entity.id
_entity.type
_entity.pdbx_description
1 polymer 'TetR family transcriptional regulator'
2 water water
#
_entity_poly.entity_id   1
_entity_poly.type   'polypeptide(L)'
_entity_poly.pdbx_seq_one_letter_code
;MGMTNKASQPRTFTLSDEKRNHILTTALNLFDQFGFQHISIMRIITEAKIAKQSFYMAFPSKDSFIIECLDMEINRLKQS
LSNLLGQCGKDDHTSILKSFYQWHVDLAYREGYNGTLLTKAVIEYWNLPDIKMKVEDFNKWKYEIFAEYLAEEINNARLR
IIVSAMNGILLPASTYLPTWEDIESLYGEQFHHHHHH
;
_entity_poly.pdbx_strand_id   A,B
#
# COMPACT_ATOMS: atom_id res chain seq x y z
N LEU A 15 26.11 6.90 -24.63
CA LEU A 15 25.22 7.59 -23.70
C LEU A 15 25.99 8.18 -22.51
N SER A 16 25.90 9.49 -22.35
CA SER A 16 26.55 10.17 -21.23
C SER A 16 25.99 9.68 -19.92
N ASP A 17 26.87 9.46 -18.94
CA ASP A 17 26.37 9.19 -17.60
C ASP A 17 25.46 10.32 -17.13
N GLU A 18 25.76 11.57 -17.53
CA GLU A 18 24.90 12.69 -17.16
C GLU A 18 23.55 12.59 -17.86
N LYS A 19 23.57 12.27 -19.16
CA LYS A 19 22.29 12.07 -19.84
C LYS A 19 21.56 10.88 -19.27
N ARG A 20 22.28 9.91 -18.70
CA ARG A 20 21.63 8.75 -18.12
C ARG A 20 20.79 9.16 -16.91
N ASN A 21 21.40 9.90 -15.96
CA ASN A 21 20.63 10.43 -14.83
C ASN A 21 19.45 11.27 -15.34
N HIS A 22 19.66 12.06 -16.40
CA HIS A 22 18.58 12.93 -16.90
C HIS A 22 17.40 12.14 -17.45
N ILE A 23 17.66 11.08 -18.24
CA ILE A 23 16.57 10.26 -18.78
C ILE A 23 15.83 9.53 -17.66
N LEU A 24 16.57 8.88 -16.77
CA LEU A 24 15.92 8.07 -15.76
C LEU A 24 15.15 8.94 -14.77
N THR A 25 15.67 10.13 -14.44
CA THR A 25 14.95 10.98 -13.50
C THR A 25 13.79 11.72 -14.13
N THR A 26 13.87 12.02 -15.43
CA THR A 26 12.71 12.55 -16.13
C THR A 26 11.57 11.54 -16.09
N ALA A 27 11.89 10.27 -16.35
CA ALA A 27 10.88 9.23 -16.35
C ALA A 27 10.29 9.03 -14.96
N LEU A 28 11.14 8.93 -13.94
CA LEU A 28 10.68 8.69 -12.58
C LEU A 28 9.69 9.76 -12.13
N ASN A 29 9.87 10.99 -12.57
CA ASN A 29 9.00 12.06 -12.10
C ASN A 29 7.65 11.98 -12.79
N LEU A 30 7.65 11.63 -14.08
CA LEU A 30 6.39 11.31 -14.77
C LEU A 30 5.70 10.11 -14.16
N PHE A 31 6.47 9.04 -13.90
CA PHE A 31 5.86 7.85 -13.26
C PHE A 31 5.27 8.20 -11.90
N ASP A 32 5.97 9.03 -11.14
CA ASP A 32 5.51 9.39 -9.81
C ASP A 32 4.22 10.19 -9.87
N GLN A 33 4.02 10.94 -10.94
CA GLN A 33 2.84 11.76 -11.17
C GLN A 33 1.71 10.98 -11.83
N PHE A 34 2.01 10.16 -12.83
CA PHE A 34 1.00 9.54 -13.68
C PHE A 34 1.04 8.02 -13.76
N GLY A 35 1.94 7.35 -13.06
CA GLY A 35 1.96 5.90 -13.08
C GLY A 35 2.79 5.35 -14.24
N PHE A 36 3.11 4.06 -14.11
CA PHE A 36 4.05 3.42 -15.03
C PHE A 36 3.42 3.13 -16.39
N GLN A 37 2.25 2.48 -16.43
CA GLN A 37 1.69 2.10 -17.73
C GLN A 37 1.11 3.29 -18.51
N HIS A 38 0.75 4.37 -17.82
CA HIS A 38 0.26 5.58 -18.45
C HIS A 38 1.33 6.28 -19.30
N ILE A 39 2.61 6.14 -18.94
CA ILE A 39 3.68 6.95 -19.52
C ILE A 39 4.49 6.09 -20.49
N SER A 40 4.54 6.50 -21.75
CA SER A 40 5.22 5.73 -22.78
C SER A 40 6.68 6.16 -22.94
N ILE A 41 7.48 5.27 -23.53
CA ILE A 41 8.82 5.62 -24.00
C ILE A 41 8.79 6.87 -24.85
N MET A 42 7.83 6.96 -25.77
CA MET A 42 7.82 8.11 -26.67
C MET A 42 7.70 9.41 -25.90
N ARG A 43 6.86 9.40 -24.87
CA ARG A 43 6.68 10.56 -24.01
C ARG A 43 7.95 10.87 -23.23
N ILE A 44 8.54 9.85 -22.61
CA ILE A 44 9.79 10.05 -21.87
C ILE A 44 10.87 10.57 -22.80
N ILE A 45 10.93 10.03 -24.02
CA ILE A 45 11.99 10.38 -24.95
C ILE A 45 11.85 11.82 -25.43
N THR A 46 10.62 12.29 -25.62
CA THR A 46 10.43 13.70 -25.98
C THR A 46 10.69 14.61 -24.80
N GLU A 47 10.08 14.31 -23.65
CA GLU A 47 10.34 15.10 -22.44
C GLU A 47 11.82 15.16 -22.13
N ALA A 48 12.53 14.04 -22.28
CA ALA A 48 13.94 14.03 -21.96
C ALA A 48 14.80 14.62 -23.08
N LYS A 49 14.23 14.83 -24.27
CA LYS A 49 14.92 15.37 -25.45
C LYS A 49 16.17 14.55 -25.81
N ILE A 50 15.95 13.25 -25.98
CA ILE A 50 16.98 12.30 -26.39
C ILE A 50 16.48 11.55 -27.63
N ALA A 51 17.40 11.22 -28.52
CA ALA A 51 17.03 10.59 -29.79
C ALA A 51 16.54 9.17 -29.58
N LYS A 52 15.43 8.84 -30.27
CA LYS A 52 14.87 7.49 -30.23
C LYS A 52 15.93 6.42 -30.32
N GLN A 53 16.80 6.50 -31.32
CA GLN A 53 17.69 5.38 -31.59
C GLN A 53 18.71 5.22 -30.48
N SER A 54 19.16 6.34 -29.90
CA SER A 54 20.09 6.27 -28.78
C SER A 54 19.42 5.61 -27.59
N PHE A 55 18.18 6.01 -27.28
CA PHE A 55 17.51 5.47 -26.11
C PHE A 55 17.36 3.96 -26.21
N TYR A 56 16.97 3.47 -27.39
CA TYR A 56 16.79 2.03 -27.55
C TYR A 56 18.12 1.30 -27.56
N MET A 57 19.22 1.96 -27.91
CA MET A 57 20.50 1.30 -27.72
C MET A 57 20.81 1.12 -26.24
N ALA A 58 20.46 2.11 -25.41
CA ALA A 58 20.71 1.99 -23.97
C ALA A 58 19.67 1.13 -23.25
N PHE A 59 18.41 1.18 -23.70
CA PHE A 59 17.32 0.49 -23.01
C PHE A 59 16.51 -0.19 -24.10
N PRO A 60 16.80 -1.46 -24.38
CA PRO A 60 16.20 -2.10 -25.56
C PRO A 60 14.70 -2.27 -25.46
N SER A 61 14.12 -2.36 -24.27
CA SER A 61 12.67 -2.44 -24.17
C SER A 61 12.21 -1.51 -23.06
N LYS A 62 10.89 -1.29 -23.00
CA LYS A 62 10.30 -0.61 -21.85
C LYS A 62 10.62 -1.33 -20.55
N ASP A 63 10.36 -2.64 -20.51
CA ASP A 63 10.73 -3.46 -19.36
C ASP A 63 12.18 -3.25 -18.94
N SER A 64 13.09 -3.14 -19.91
CA SER A 64 14.49 -2.89 -19.58
C SER A 64 14.65 -1.55 -18.88
N PHE A 65 13.98 -0.52 -19.42
CA PHE A 65 14.02 0.81 -18.86
C PHE A 65 13.41 0.87 -17.47
N ILE A 66 12.26 0.19 -17.27
CA ILE A 66 11.57 0.18 -15.98
C ILE A 66 12.46 -0.40 -14.90
N ILE A 67 13.14 -1.49 -15.20
CA ILE A 67 14.03 -2.13 -14.24
C ILE A 67 15.18 -1.18 -13.87
N GLU A 68 15.70 -0.43 -14.84
CA GLU A 68 16.77 0.51 -14.53
C GLU A 68 16.26 1.68 -13.70
N CYS A 69 15.04 2.15 -14.00
CA CYS A 69 14.41 3.20 -13.19
C CYS A 69 14.20 2.74 -11.76
N LEU A 70 13.74 1.51 -11.59
CA LEU A 70 13.44 1.02 -10.26
C LEU A 70 14.72 0.82 -9.46
N ASP A 71 15.77 0.32 -10.12
CA ASP A 71 17.07 0.17 -9.45
C ASP A 71 17.60 1.50 -8.96
N MET A 72 17.43 2.56 -9.75
CA MET A 72 17.93 3.86 -9.32
C MET A 72 17.11 4.41 -8.15
N GLU A 73 15.78 4.32 -8.24
CA GLU A 73 14.93 4.81 -7.16
C GLU A 73 15.24 4.07 -5.86
N ILE A 74 15.48 2.76 -5.95
CA ILE A 74 15.83 1.98 -4.75
C ILE A 74 17.15 2.46 -4.19
N ASN A 75 18.15 2.64 -5.06
CA ASN A 75 19.45 3.14 -4.60
C ASN A 75 19.32 4.53 -3.98
N ARG A 76 18.52 5.39 -4.57
CA ARG A 76 18.32 6.73 -4.05
C ARG A 76 17.66 6.68 -2.67
N LEU A 77 16.64 5.84 -2.53
CA LEU A 77 15.96 5.72 -1.24
C LEU A 77 16.89 5.15 -0.19
N LYS A 78 17.72 4.18 -0.56
CA LYS A 78 18.67 3.65 0.40
C LYS A 78 19.67 4.72 0.82
N GLN A 79 20.06 5.59 -0.10
CA GLN A 79 21.04 6.60 0.28
C GLN A 79 20.36 7.73 1.06
N SER A 80 19.10 8.01 0.73
CA SER A 80 18.30 9.01 1.46
C SER A 80 18.09 8.63 2.93
N LEU A 81 17.64 7.40 3.19
CA LEU A 81 17.43 6.95 4.57
C LEU A 81 18.75 6.72 5.29
N SER A 82 19.72 6.11 4.60
CA SER A 82 21.03 5.86 5.20
C SER A 82 21.68 7.17 5.65
N ASN A 83 21.62 8.21 4.80
CA ASN A 83 22.21 9.50 5.15
C ASN A 83 21.46 10.20 6.27
N LEU A 84 20.13 10.12 6.26
CA LEU A 84 19.34 10.74 7.31
C LEU A 84 19.63 10.11 8.68
N LEU A 85 19.64 8.77 8.73
CA LEU A 85 19.95 8.08 9.97
C LEU A 85 21.40 8.27 10.38
N GLY A 86 22.31 8.25 9.40
CA GLY A 86 23.72 8.50 9.69
C GLY A 86 24.01 9.85 10.33
N GLN A 87 23.04 10.76 10.33
CA GLN A 87 23.22 12.09 10.91
C GLN A 87 23.02 12.14 12.41
N CYS A 88 22.38 11.15 13.02
CA CYS A 88 22.12 11.22 14.44
C CYS A 88 23.33 10.77 15.25
N GLY A 89 23.44 11.28 16.48
CA GLY A 89 24.53 10.87 17.37
C GLY A 89 24.47 9.39 17.68
N LYS A 90 25.66 8.80 17.90
CA LYS A 90 25.75 7.35 18.06
C LYS A 90 24.82 6.84 19.15
N ASP A 91 24.71 7.60 20.24
CA ASP A 91 23.87 7.18 21.36
C ASP A 91 22.39 7.53 21.17
N ASP A 92 22.05 8.29 20.14
CA ASP A 92 20.81 9.07 20.15
C ASP A 92 19.64 8.26 19.58
N HIS A 93 19.11 7.36 20.40
CA HIS A 93 18.10 6.43 19.92
C HIS A 93 16.77 7.14 19.63
N THR A 94 16.40 8.14 20.43
CA THR A 94 15.21 8.92 20.11
C THR A 94 15.33 9.56 18.73
N SER A 95 16.47 10.19 18.44
CA SER A 95 16.62 10.89 17.17
C SER A 95 16.60 9.93 16.00
N ILE A 96 17.24 8.76 16.15
CA ILE A 96 17.15 7.73 15.12
C ILE A 96 15.68 7.39 14.87
N LEU A 97 14.92 7.22 15.93
CA LEU A 97 13.55 6.77 15.80
C LEU A 97 12.68 7.88 15.20
N LYS A 98 12.90 9.13 15.63
CA LYS A 98 12.18 10.26 15.06
C LYS A 98 12.48 10.45 13.59
N SER A 99 13.73 10.22 13.19
CA SER A 99 14.09 10.39 11.79
C SER A 99 13.44 9.32 10.92
N PHE A 100 13.40 8.09 11.42
CA PHE A 100 12.78 7.02 10.66
C PHE A 100 11.29 7.29 10.47
N TYR A 101 10.63 7.81 11.51
CA TYR A 101 9.25 8.23 11.41
C TYR A 101 9.09 9.34 10.37
N GLN A 102 9.91 10.38 10.48
CA GLN A 102 9.73 11.57 9.66
C GLN A 102 10.00 11.27 8.19
N TRP A 103 10.93 10.37 7.93
CA TRP A 103 11.23 9.98 6.56
C TRP A 103 9.98 9.40 5.88
N HIS A 104 9.25 8.55 6.59
CA HIS A 104 8.02 7.97 6.07
C HIS A 104 6.93 9.02 5.88
N VAL A 105 6.73 9.88 6.87
CA VAL A 105 5.78 10.98 6.69
C VAL A 105 6.18 11.84 5.50
N ASP A 106 7.47 12.15 5.37
CA ASP A 106 7.94 13.01 4.29
C ASP A 106 7.72 12.37 2.92
N LEU A 107 7.78 11.04 2.83
CA LEU A 107 7.43 10.37 1.58
C LEU A 107 5.96 10.54 1.24
N ALA A 108 5.08 10.35 2.22
CA ALA A 108 3.65 10.24 1.95
C ALA A 108 2.88 11.53 2.13
N TYR A 109 3.45 12.54 2.76
CA TYR A 109 2.68 13.74 3.08
C TYR A 109 2.92 14.82 2.03
N ARG A 110 2.64 14.48 0.78
CA ARG A 110 2.71 15.43 -0.33
C ARG A 110 1.37 15.48 -1.04
N GLU A 111 1.07 16.62 -1.67
CA GLU A 111 -0.18 16.74 -2.41
C GLU A 111 -0.23 15.72 -3.54
N GLY A 112 -1.41 15.15 -3.76
CA GLY A 112 -1.58 14.19 -4.83
C GLY A 112 -1.00 12.81 -4.58
N TYR A 113 -0.58 12.51 -3.35
CA TYR A 113 -0.01 11.21 -3.05
C TYR A 113 -0.99 10.08 -3.37
N ASN A 114 -0.49 9.06 -4.07
CA ASN A 114 -1.26 7.87 -4.36
C ASN A 114 -0.38 6.65 -4.33
N GLY A 115 0.63 6.66 -3.46
CA GLY A 115 1.54 5.54 -3.26
C GLY A 115 2.95 5.87 -3.71
N THR A 116 3.91 5.16 -3.13
CA THR A 116 5.29 5.36 -3.54
C THR A 116 5.59 4.65 -4.87
N LEU A 117 6.70 5.05 -5.51
CA LEU A 117 7.07 4.43 -6.77
C LEU A 117 7.32 2.95 -6.62
N LEU A 118 7.86 2.52 -5.48
CA LEU A 118 8.09 1.09 -5.31
C LEU A 118 6.78 0.34 -5.20
N THR A 119 5.78 0.95 -4.54
CA THR A 119 4.50 0.25 -4.42
C THR A 119 3.82 0.18 -5.77
N LYS A 120 3.86 1.30 -6.51
CA LYS A 120 3.27 1.35 -7.84
C LYS A 120 3.91 0.31 -8.75
N ALA A 121 5.23 0.10 -8.64
CA ALA A 121 5.89 -0.84 -9.56
C ALA A 121 5.48 -2.26 -9.27
N VAL A 122 5.34 -2.63 -7.99
CA VAL A 122 4.94 -3.98 -7.62
C VAL A 122 3.52 -4.27 -8.10
N ILE A 123 2.65 -3.27 -8.02
CA ILE A 123 1.27 -3.45 -8.43
C ILE A 123 1.14 -3.44 -9.95
N GLU A 124 1.87 -2.57 -10.65
CA GLU A 124 1.75 -2.52 -12.11
C GLU A 124 2.42 -3.71 -12.77
N TYR A 125 3.55 -4.18 -12.23
CA TYR A 125 4.23 -5.25 -12.94
C TYR A 125 4.18 -6.57 -12.17
N TRP A 126 2.96 -7.05 -11.87
CA TRP A 126 2.79 -8.37 -11.28
C TRP A 126 3.38 -9.46 -12.17
N ASN A 127 3.53 -9.21 -13.47
CA ASN A 127 4.02 -10.21 -14.40
C ASN A 127 5.54 -10.30 -14.45
N LEU A 128 6.25 -9.36 -13.84
CA LEU A 128 7.71 -9.35 -13.82
C LEU A 128 8.14 -9.65 -12.39
N PRO A 129 8.35 -10.92 -12.03
CA PRO A 129 8.68 -11.25 -10.62
C PRO A 129 9.97 -10.62 -10.13
N ASP A 130 10.82 -10.14 -11.05
CA ASP A 130 12.04 -9.44 -10.65
C ASP A 130 11.71 -8.16 -9.88
N ILE A 131 10.63 -7.45 -10.26
CA ILE A 131 10.32 -6.21 -9.56
C ILE A 131 9.89 -6.48 -8.12
N LYS A 132 8.96 -7.42 -7.91
CA LYS A 132 8.53 -7.70 -6.54
C LYS A 132 9.72 -8.10 -5.68
N MET A 133 10.68 -8.80 -6.25
CA MET A 133 11.78 -9.26 -5.43
C MET A 133 12.77 -8.14 -5.13
N LYS A 134 12.95 -7.17 -6.03
CA LYS A 134 13.79 -6.02 -5.71
C LYS A 134 13.14 -5.11 -4.68
N VAL A 135 11.82 -4.98 -4.70
CA VAL A 135 11.16 -4.15 -3.71
C VAL A 135 11.15 -4.85 -2.36
N GLU A 136 10.93 -6.17 -2.37
CA GLU A 136 11.01 -6.93 -1.13
C GLU A 136 12.39 -6.80 -0.49
N ASP A 137 13.44 -6.89 -1.30
CA ASP A 137 14.80 -6.80 -0.80
C ASP A 137 15.09 -5.41 -0.23
N PHE A 138 14.54 -4.37 -0.86
CA PHE A 138 14.63 -3.03 -0.26
C PHE A 138 13.93 -3.00 1.09
N ASN A 139 12.74 -3.61 1.18
CA ASN A 139 12.00 -3.57 2.42
C ASN A 139 12.69 -4.37 3.53
N LYS A 140 13.34 -5.48 3.20
CA LYS A 140 14.18 -6.14 4.20
C LYS A 140 15.36 -5.24 4.58
N TRP A 141 15.95 -4.58 3.60
CA TRP A 141 17.03 -3.65 3.90
C TRP A 141 16.57 -2.57 4.88
N LYS A 142 15.39 -2.00 4.64
CA LYS A 142 14.94 -0.90 5.49
C LYS A 142 14.72 -1.37 6.93
N TYR A 143 14.06 -2.52 7.12
CA TYR A 143 13.95 -3.07 8.47
C TYR A 143 15.32 -3.28 9.09
N GLU A 144 16.27 -3.77 8.31
CA GLU A 144 17.52 -4.22 8.92
C GLU A 144 18.42 -3.06 9.32
N ILE A 145 18.40 -1.95 8.56
CA ILE A 145 19.23 -0.81 8.95
C ILE A 145 18.66 -0.13 10.18
N PHE A 146 17.33 -0.04 10.25
CA PHE A 146 16.66 0.45 11.46
C PHE A 146 16.99 -0.43 12.65
N ALA A 147 16.90 -1.75 12.47
CA ALA A 147 17.22 -2.68 13.55
C ALA A 147 18.67 -2.58 13.99
N GLU A 148 19.59 -2.50 13.03
CA GLU A 148 20.99 -2.38 13.37
C GLU A 148 21.25 -1.15 14.22
N TYR A 149 20.45 -0.10 14.05
CA TYR A 149 20.61 1.05 14.93
C TYR A 149 20.03 0.77 16.30
N LEU A 150 18.86 0.13 16.37
CA LEU A 150 18.10 0.09 17.60
C LEU A 150 17.99 -1.30 18.22
N ALA A 151 18.82 -2.25 17.78
CA ALA A 151 18.60 -3.63 18.22
C ALA A 151 18.98 -3.82 19.68
N GLU A 152 20.03 -3.14 20.14
CA GLU A 152 20.33 -3.28 21.55
C GLU A 152 19.32 -2.54 22.43
N GLU A 153 18.43 -1.73 21.86
CA GLU A 153 17.60 -0.81 22.61
C GLU A 153 16.10 -1.14 22.61
N ILE A 154 15.60 -1.77 21.55
CA ILE A 154 14.17 -2.02 21.36
C ILE A 154 14.04 -3.47 20.91
N ASN A 155 13.07 -4.20 21.46
CA ASN A 155 13.07 -5.63 21.17
C ASN A 155 12.46 -5.93 19.80
N ASN A 156 12.62 -7.18 19.36
CA ASN A 156 12.20 -7.54 18.01
C ASN A 156 10.71 -7.28 17.79
N ALA A 157 9.90 -7.56 18.80
CA ALA A 157 8.46 -7.35 18.66
C ALA A 157 8.14 -5.88 18.40
N ARG A 158 8.76 -4.97 19.14
CA ARG A 158 8.49 -3.55 18.91
C ARG A 158 9.10 -3.09 17.59
N LEU A 159 10.24 -3.64 17.20
CA LEU A 159 10.82 -3.30 15.90
C LEU A 159 9.85 -3.65 14.76
N ARG A 160 9.39 -4.90 14.71
CA ARG A 160 8.48 -5.30 13.64
C ARG A 160 7.20 -4.46 13.63
N ILE A 161 6.67 -4.12 14.81
CA ILE A 161 5.44 -3.34 14.86
C ILE A 161 5.68 -1.92 14.37
N ILE A 162 6.77 -1.29 14.81
CA ILE A 162 7.05 0.10 14.39
C ILE A 162 7.26 0.17 12.89
N VAL A 163 8.06 -0.74 12.34
CA VAL A 163 8.32 -0.70 10.90
C VAL A 163 7.04 -0.96 10.11
N SER A 164 6.20 -1.90 10.59
CA SER A 164 4.94 -2.13 9.91
C SER A 164 4.04 -0.90 9.99
N ALA A 165 4.01 -0.24 11.15
CA ALA A 165 3.24 1.01 11.28
C ALA A 165 3.73 2.07 10.30
N MET A 166 5.04 2.14 10.04
CA MET A 166 5.51 3.19 9.14
C MET A 166 5.17 2.86 7.69
N ASN A 167 5.23 1.58 7.33
CA ASN A 167 4.74 1.15 6.03
C ASN A 167 3.25 1.44 5.86
N GLY A 168 2.48 1.45 6.96
CA GLY A 168 1.08 1.82 6.83
C GLY A 168 0.86 3.29 6.53
N ILE A 169 1.78 4.16 6.98
CA ILE A 169 1.75 5.57 6.57
C ILE A 169 1.91 5.69 5.05
N LEU A 170 2.57 4.72 4.43
CA LEU A 170 2.83 4.73 2.98
C LEU A 170 1.67 4.16 2.17
N LEU A 171 0.76 3.44 2.77
CA LEU A 171 -0.41 2.97 2.04
C LEU A 171 -1.26 4.16 1.62
N PRO A 172 -1.58 4.29 0.33
CA PRO A 172 -2.38 5.45 -0.09
C PRO A 172 -3.78 5.35 0.48
N ALA A 173 -4.42 6.51 0.62
CA ALA A 173 -5.77 6.64 1.17
C ALA A 173 -5.84 6.20 2.62
N SER A 174 -4.71 6.12 3.29
CA SER A 174 -4.69 5.73 4.69
C SER A 174 -5.03 6.93 5.57
N THR A 175 -5.60 6.63 6.73
CA THR A 175 -6.20 7.60 7.63
C THR A 175 -5.79 7.27 9.06
N TYR A 176 -6.08 8.20 9.98
CA TYR A 176 -5.79 8.01 11.41
C TYR A 176 -4.33 7.59 11.65
N LEU A 177 -3.40 8.26 10.95
CA LEU A 177 -2.00 7.85 10.98
C LEU A 177 -1.39 8.08 12.36
N PRO A 178 -0.51 7.18 12.81
CA PRO A 178 0.22 7.42 14.06
C PRO A 178 1.08 8.69 13.98
N THR A 179 1.09 9.45 15.07
CA THR A 179 1.84 10.69 15.19
C THR A 179 3.19 10.41 15.85
N TRP A 180 4.09 11.39 15.77
CA TRP A 180 5.38 11.24 16.44
C TRP A 180 5.18 10.96 17.94
N GLU A 181 4.27 11.70 18.58
CA GLU A 181 4.05 11.48 20.01
C GLU A 181 3.50 10.08 20.28
N ASP A 182 2.68 9.52 19.38
CA ASP A 182 2.30 8.10 19.51
C ASP A 182 3.53 7.22 19.55
N ILE A 183 4.39 7.35 18.53
CA ILE A 183 5.59 6.52 18.43
C ILE A 183 6.51 6.75 19.62
N GLU A 184 6.67 8.01 20.02
CA GLU A 184 7.53 8.32 21.16
C GLU A 184 6.99 7.69 22.44
N SER A 185 5.66 7.60 22.57
CA SER A 185 5.06 6.95 23.74
C SER A 185 5.33 5.45 23.76
N LEU A 186 5.46 4.85 22.58
CA LEU A 186 5.72 3.42 22.50
C LEU A 186 7.16 3.07 22.82
N TYR A 187 8.10 4.00 22.64
CA TYR A 187 9.51 3.76 22.98
C TYR A 187 9.84 3.99 24.46
N THR B 14 -34.76 -6.82 -20.74
CA THR B 14 -33.83 -6.21 -19.79
C THR B 14 -32.99 -7.23 -19.02
N LEU B 15 -32.16 -6.71 -18.14
CA LEU B 15 -31.08 -7.46 -17.51
C LEU B 15 -31.47 -7.92 -16.11
N SER B 16 -31.30 -9.21 -15.83
CA SER B 16 -31.57 -9.66 -14.46
C SER B 16 -30.55 -9.06 -13.51
N ASP B 17 -30.92 -8.99 -12.24
CA ASP B 17 -29.93 -8.54 -11.27
C ASP B 17 -28.86 -9.60 -11.05
N GLU B 18 -29.17 -10.87 -11.30
CA GLU B 18 -28.12 -11.87 -11.18
C GLU B 18 -27.03 -11.61 -12.19
N LYS B 19 -27.42 -11.21 -13.41
CA LYS B 19 -26.42 -11.00 -14.45
C LYS B 19 -25.67 -9.70 -14.22
N ARG B 20 -26.35 -8.64 -13.79
CA ARG B 20 -25.64 -7.40 -13.43
C ARG B 20 -24.58 -7.65 -12.39
N ASN B 21 -24.95 -8.32 -11.30
CA ASN B 21 -23.98 -8.59 -10.24
C ASN B 21 -22.88 -9.51 -10.72
N HIS B 22 -23.18 -10.35 -11.72
CA HIS B 22 -22.17 -11.26 -12.25
C HIS B 22 -21.13 -10.51 -13.06
N ILE B 23 -21.53 -9.50 -13.82
CA ILE B 23 -20.56 -8.65 -14.52
C ILE B 23 -19.64 -7.99 -13.51
N LEU B 24 -20.21 -7.50 -12.40
CA LEU B 24 -19.41 -6.80 -11.39
C LEU B 24 -18.40 -7.73 -10.75
N THR B 25 -18.86 -8.93 -10.37
CA THR B 25 -17.97 -9.86 -9.67
C THR B 25 -16.94 -10.49 -10.60
N THR B 26 -17.27 -10.65 -11.89
CA THR B 26 -16.31 -11.11 -12.88
C THR B 26 -15.19 -10.09 -13.04
N ALA B 27 -15.57 -8.82 -13.21
CA ALA B 27 -14.59 -7.76 -13.37
C ALA B 27 -13.69 -7.68 -12.14
N LEU B 28 -14.29 -7.75 -10.94
CA LEU B 28 -13.50 -7.68 -9.72
C LEU B 28 -12.43 -8.76 -9.69
N ASN B 29 -12.80 -9.99 -10.03
CA ASN B 29 -11.81 -11.06 -10.15
C ASN B 29 -10.75 -10.73 -11.20
N LEU B 30 -11.16 -10.18 -12.35
CA LEU B 30 -10.19 -9.75 -13.36
C LEU B 30 -9.24 -8.70 -12.79
N PHE B 31 -9.79 -7.65 -12.17
CA PHE B 31 -8.98 -6.54 -11.67
C PHE B 31 -8.03 -7.03 -10.58
N ASP B 32 -8.51 -7.92 -9.71
CA ASP B 32 -7.68 -8.35 -8.60
C ASP B 32 -6.40 -9.00 -9.09
N GLN B 33 -6.45 -9.65 -10.24
CA GLN B 33 -5.31 -10.42 -10.71
C GLN B 33 -4.55 -9.77 -11.85
N PHE B 34 -5.15 -8.86 -12.62
CA PHE B 34 -4.41 -8.11 -13.64
C PHE B 34 -4.39 -6.60 -13.48
N GLY B 35 -5.11 -6.03 -12.53
CA GLY B 35 -5.17 -4.59 -12.39
C GLY B 35 -6.17 -3.97 -13.34
N PHE B 36 -6.47 -2.68 -13.10
CA PHE B 36 -7.55 -2.05 -13.83
C PHE B 36 -7.16 -1.69 -15.26
N GLN B 37 -5.92 -1.26 -15.46
CA GLN B 37 -5.47 -0.74 -16.75
C GLN B 37 -5.56 -1.80 -17.84
N HIS B 38 -5.06 -2.99 -17.54
CA HIS B 38 -4.96 -4.08 -18.50
C HIS B 38 -6.31 -4.52 -19.08
N ILE B 39 -7.44 -4.21 -18.42
CA ILE B 39 -8.71 -4.90 -18.64
C ILE B 39 -9.73 -3.94 -19.26
N SER B 40 -10.16 -4.24 -20.49
CA SER B 40 -11.14 -3.40 -21.17
C SER B 40 -12.57 -3.87 -20.90
N ILE B 41 -13.53 -3.08 -21.41
CA ILE B 41 -14.93 -3.49 -21.38
C ILE B 41 -15.11 -4.77 -22.17
N MET B 42 -14.51 -4.84 -23.37
CA MET B 42 -14.67 -6.04 -24.19
C MET B 42 -14.06 -7.28 -23.56
N ARG B 43 -12.95 -7.13 -22.85
CA ARG B 43 -12.42 -8.25 -22.09
C ARG B 43 -13.39 -8.68 -20.99
N ILE B 44 -13.96 -7.71 -20.28
CA ILE B 44 -14.93 -7.99 -19.22
C ILE B 44 -16.15 -8.70 -19.79
N ILE B 45 -16.63 -8.23 -20.95
CA ILE B 45 -17.80 -8.78 -21.62
C ILE B 45 -17.54 -10.22 -22.06
N THR B 46 -16.35 -10.47 -22.60
CA THR B 46 -16.01 -11.83 -23.01
C THR B 46 -15.83 -12.74 -21.81
N GLU B 47 -15.14 -12.29 -20.77
CA GLU B 47 -15.02 -13.13 -19.58
C GLU B 47 -16.38 -13.42 -18.95
N ALA B 48 -17.24 -12.41 -18.82
CA ALA B 48 -18.53 -12.62 -18.17
C ALA B 48 -19.55 -13.31 -19.06
N LYS B 49 -19.21 -13.59 -20.32
CA LYS B 49 -20.10 -14.25 -21.28
C LYS B 49 -21.45 -13.57 -21.41
N ILE B 50 -21.42 -12.24 -21.55
CA ILE B 50 -22.64 -11.48 -21.76
C ILE B 50 -22.54 -10.77 -23.11
N ALA B 51 -23.71 -10.37 -23.62
CA ALA B 51 -23.76 -9.55 -24.81
C ALA B 51 -23.21 -8.15 -24.50
N LYS B 52 -22.46 -7.60 -25.47
CA LYS B 52 -21.94 -6.26 -25.32
C LYS B 52 -23.05 -5.28 -24.98
N GLN B 53 -24.20 -5.45 -25.61
CA GLN B 53 -25.31 -4.54 -25.41
C GLN B 53 -25.86 -4.64 -23.98
N SER B 54 -25.73 -5.81 -23.35
CA SER B 54 -26.15 -5.93 -21.95
C SER B 54 -25.28 -5.10 -21.02
N PHE B 55 -23.98 -4.96 -21.33
CA PHE B 55 -23.13 -4.14 -20.48
C PHE B 55 -23.61 -2.70 -20.48
N TYR B 56 -23.90 -2.16 -21.66
CA TYR B 56 -24.25 -0.75 -21.73
C TYR B 56 -25.68 -0.47 -21.32
N MET B 57 -26.54 -1.49 -21.29
CA MET B 57 -27.84 -1.31 -20.66
C MET B 57 -27.69 -1.04 -19.17
N ALA B 58 -26.71 -1.69 -18.53
CA ALA B 58 -26.51 -1.59 -17.09
C ALA B 58 -25.59 -0.46 -16.68
N PHE B 59 -24.59 -0.11 -17.50
CA PHE B 59 -23.49 0.77 -17.08
C PHE B 59 -23.22 1.83 -18.14
N PRO B 60 -23.23 3.12 -17.78
CA PRO B 60 -23.17 4.17 -18.82
C PRO B 60 -21.78 4.43 -19.37
N SER B 61 -20.74 4.03 -18.66
CA SER B 61 -19.35 4.31 -18.98
C SER B 61 -18.50 3.29 -18.23
N LYS B 62 -17.28 3.10 -18.69
CA LYS B 62 -16.37 2.20 -17.98
C LYS B 62 -16.02 2.73 -16.58
N ASP B 63 -15.92 4.05 -16.44
CA ASP B 63 -15.57 4.61 -15.15
C ASP B 63 -16.75 4.57 -14.17
N SER B 64 -17.97 4.60 -14.68
CA SER B 64 -19.15 4.38 -13.83
C SER B 64 -19.18 2.95 -13.31
N PHE B 65 -18.92 1.99 -14.21
CA PHE B 65 -18.79 0.58 -13.82
C PHE B 65 -17.72 0.39 -12.74
N ILE B 66 -16.54 0.97 -12.95
CA ILE B 66 -15.46 0.74 -11.99
C ILE B 66 -15.82 1.35 -10.63
N ILE B 67 -16.53 2.46 -10.60
CA ILE B 67 -16.96 2.99 -9.30
C ILE B 67 -17.95 2.03 -8.66
N GLU B 68 -18.81 1.40 -9.45
CA GLU B 68 -19.71 0.39 -8.90
C GLU B 68 -18.95 -0.82 -8.40
N CYS B 69 -17.89 -1.24 -9.09
CA CYS B 69 -17.07 -2.33 -8.60
C CYS B 69 -16.41 -1.96 -7.28
N LEU B 70 -15.83 -0.76 -7.21
CA LEU B 70 -15.15 -0.35 -5.98
C LEU B 70 -16.13 -0.34 -4.82
N ASP B 71 -17.38 0.03 -5.10
CA ASP B 71 -18.36 0.15 -4.04
C ASP B 71 -18.78 -1.23 -3.55
N MET B 72 -18.75 -2.23 -4.44
CA MET B 72 -19.13 -3.57 -4.02
C MET B 72 -17.96 -4.27 -3.32
N GLU B 73 -16.73 -3.97 -3.73
CA GLU B 73 -15.58 -4.44 -2.99
C GLU B 73 -15.57 -3.84 -1.59
N ILE B 74 -15.86 -2.55 -1.44
CA ILE B 74 -15.85 -1.95 -0.11
C ILE B 74 -16.92 -2.58 0.77
N ASN B 75 -18.13 -2.79 0.24
CA ASN B 75 -19.20 -3.39 1.02
C ASN B 75 -18.82 -4.80 1.47
N ARG B 76 -18.15 -5.54 0.59
CA ARG B 76 -17.79 -6.91 0.91
C ARG B 76 -16.74 -6.98 2.01
N LEU B 77 -15.75 -6.08 1.98
CA LEU B 77 -14.77 -6.01 3.06
C LEU B 77 -15.41 -5.56 4.36
N LYS B 78 -16.32 -4.59 4.31
CA LYS B 78 -17.02 -4.17 5.52
C LYS B 78 -17.83 -5.32 6.10
N GLN B 79 -18.46 -6.12 5.24
CA GLN B 79 -19.32 -7.16 5.77
C GLN B 79 -18.48 -8.30 6.31
N SER B 80 -17.37 -8.59 5.64
CA SER B 80 -16.48 -9.63 6.13
C SER B 80 -15.93 -9.28 7.52
N LEU B 81 -15.49 -8.04 7.72
CA LEU B 81 -14.86 -7.65 8.99
C LEU B 81 -15.89 -7.46 10.09
N SER B 82 -16.99 -6.76 9.79
CA SER B 82 -18.14 -6.65 10.71
C SER B 82 -18.55 -8.00 11.28
N ASN B 83 -18.70 -8.99 10.39
CA ASN B 83 -19.12 -10.32 10.83
C ASN B 83 -18.04 -11.00 11.68
N LEU B 84 -16.77 -10.88 11.27
CA LEU B 84 -15.70 -11.50 12.03
C LEU B 84 -15.62 -10.93 13.45
N LEU B 85 -15.64 -9.61 13.58
CA LEU B 85 -15.58 -9.02 14.92
C LEU B 85 -16.85 -9.34 15.73
N GLY B 86 -17.99 -9.48 15.05
CA GLY B 86 -19.24 -9.77 15.72
C GLY B 86 -19.39 -11.20 16.18
N GLN B 87 -18.56 -12.10 15.68
CA GLN B 87 -18.60 -13.48 16.15
C GLN B 87 -17.93 -13.63 17.50
N CYS B 88 -17.05 -12.70 17.86
CA CYS B 88 -16.39 -12.76 19.16
C CYS B 88 -17.39 -12.56 20.28
N GLY B 89 -17.03 -13.08 21.45
CA GLY B 89 -17.87 -12.89 22.61
C GLY B 89 -17.88 -11.46 23.09
N LYS B 90 -18.94 -11.12 23.82
CA LYS B 90 -19.06 -9.79 24.42
C LYS B 90 -17.86 -9.52 25.33
N ASP B 91 -17.15 -8.44 25.06
CA ASP B 91 -16.04 -7.99 25.89
C ASP B 91 -14.89 -9.00 25.92
N ASP B 92 -14.78 -9.88 24.92
CA ASP B 92 -13.58 -10.70 24.77
C ASP B 92 -12.63 -9.92 23.89
N HIS B 93 -11.96 -8.95 24.51
CA HIS B 93 -11.18 -7.99 23.75
C HIS B 93 -9.97 -8.63 23.09
N THR B 94 -9.37 -9.64 23.72
CA THR B 94 -8.27 -10.36 23.07
C THR B 94 -8.74 -11.02 21.78
N SER B 95 -9.90 -11.69 21.83
CA SER B 95 -10.40 -12.37 20.63
C SER B 95 -10.75 -11.37 19.54
N ILE B 96 -11.23 -10.19 19.90
CA ILE B 96 -11.53 -9.18 18.90
C ILE B 96 -10.24 -8.68 18.27
N LEU B 97 -9.22 -8.44 19.09
CA LEU B 97 -7.95 -7.94 18.57
C LEU B 97 -7.27 -8.99 17.70
N LYS B 98 -7.38 -10.26 18.08
CA LYS B 98 -6.78 -11.33 17.29
C LYS B 98 -7.53 -11.52 15.98
N SER B 99 -8.85 -11.31 15.99
CA SER B 99 -9.64 -11.36 14.76
C SER B 99 -9.25 -10.26 13.80
N PHE B 100 -9.00 -9.05 14.32
CA PHE B 100 -8.65 -7.91 13.49
C PHE B 100 -7.29 -8.12 12.84
N TYR B 101 -6.35 -8.69 13.59
CA TYR B 101 -5.04 -9.04 13.06
C TYR B 101 -5.17 -10.08 11.96
N GLN B 102 -5.85 -11.19 12.28
CA GLN B 102 -5.94 -12.28 11.33
C GLN B 102 -6.66 -11.86 10.06
N TRP B 103 -7.63 -10.95 10.18
CA TRP B 103 -8.34 -10.48 8.99
C TRP B 103 -7.38 -9.80 8.02
N HIS B 104 -6.41 -9.04 8.54
CA HIS B 104 -5.42 -8.39 7.69
C HIS B 104 -4.41 -9.39 7.15
N VAL B 105 -3.91 -10.30 7.99
CA VAL B 105 -2.98 -11.32 7.50
C VAL B 105 -3.64 -12.15 6.38
N ASP B 106 -4.91 -12.49 6.56
CA ASP B 106 -5.58 -13.35 5.59
C ASP B 106 -5.79 -12.61 4.28
N LEU B 107 -6.10 -11.33 4.35
CA LEU B 107 -6.28 -10.54 3.15
C LEU B 107 -4.97 -10.42 2.39
N ALA B 108 -3.86 -10.24 3.13
CA ALA B 108 -2.57 -10.09 2.50
C ALA B 108 -2.05 -11.42 1.98
N TYR B 109 -2.27 -12.51 2.71
CA TYR B 109 -1.80 -13.80 2.21
C TYR B 109 -2.66 -14.34 1.08
N ARG B 110 -3.89 -13.85 0.92
CA ARG B 110 -4.77 -14.36 -0.14
C ARG B 110 -4.48 -13.65 -1.46
N GLY B 112 -2.71 -14.56 -4.89
CA GLY B 112 -1.72 -14.00 -5.80
C GLY B 112 -1.38 -12.56 -5.45
N TYR B 113 -1.31 -12.30 -4.16
CA TYR B 113 -1.45 -10.94 -3.65
C TYR B 113 -0.28 -10.03 -4.00
N ASN B 114 -0.56 -9.03 -4.82
CA ASN B 114 0.31 -7.91 -5.09
C ASN B 114 -0.34 -6.61 -4.62
N GLY B 115 -1.04 -6.65 -3.51
CA GLY B 115 -1.69 -5.42 -3.11
C GLY B 115 -3.20 -5.53 -3.26
N THR B 116 -3.91 -4.82 -2.39
CA THR B 116 -5.35 -4.93 -2.38
C THR B 116 -5.97 -4.21 -3.57
N LEU B 117 -7.21 -4.59 -3.86
CA LEU B 117 -7.94 -3.98 -4.95
C LEU B 117 -8.17 -2.50 -4.70
N LEU B 118 -8.40 -2.13 -3.43
CA LEU B 118 -8.61 -0.71 -3.14
C LEU B 118 -7.33 0.09 -3.36
N THR B 119 -6.17 -0.46 -2.96
CA THR B 119 -4.90 0.22 -3.23
C THR B 119 -4.66 0.35 -4.73
N LYS B 120 -4.93 -0.70 -5.49
CA LYS B 120 -4.80 -0.62 -6.94
C LYS B 120 -5.65 0.51 -7.51
N ALA B 121 -6.87 0.67 -6.98
CA ALA B 121 -7.75 1.69 -7.53
C ALA B 121 -7.22 3.09 -7.24
N VAL B 122 -6.68 3.31 -6.04
CA VAL B 122 -6.15 4.63 -5.68
C VAL B 122 -4.93 4.96 -6.54
N ILE B 123 -4.07 3.97 -6.77
CA ILE B 123 -2.91 4.15 -7.64
C ILE B 123 -3.37 4.45 -9.07
N GLU B 124 -4.29 3.66 -9.59
CA GLU B 124 -4.64 3.76 -10.99
C GLU B 124 -5.50 5.00 -11.28
N TYR B 125 -6.30 5.47 -10.32
CA TYR B 125 -7.27 6.49 -10.68
C TYR B 125 -7.00 7.81 -9.96
N TRP B 126 -5.78 8.33 -10.08
CA TRP B 126 -5.48 9.66 -9.54
C TRP B 126 -6.39 10.71 -10.13
N ASN B 127 -6.96 10.44 -11.31
CA ASN B 127 -7.76 11.38 -12.07
C ASN B 127 -9.25 11.35 -11.70
N LEU B 128 -9.67 10.46 -10.80
CA LEU B 128 -11.05 10.38 -10.34
C LEU B 128 -11.05 10.54 -8.84
N PRO B 129 -11.16 11.78 -8.33
CA PRO B 129 -10.91 12.02 -6.90
C PRO B 129 -11.95 11.41 -5.97
N ASP B 130 -13.07 10.91 -6.49
CA ASP B 130 -14.02 10.21 -5.64
C ASP B 130 -13.53 8.83 -5.24
N ILE B 131 -12.60 8.25 -5.99
CA ILE B 131 -12.13 6.90 -5.66
C ILE B 131 -11.25 6.94 -4.42
N LYS B 132 -10.29 7.85 -4.40
CA LYS B 132 -9.47 8.05 -3.21
C LYS B 132 -10.33 8.38 -2.00
N MET B 133 -11.40 9.15 -2.19
CA MET B 133 -12.23 9.52 -1.06
C MET B 133 -13.05 8.33 -0.55
N LYS B 134 -13.54 7.50 -1.46
CA LYS B 134 -14.21 6.27 -1.05
C LYS B 134 -13.27 5.35 -0.29
N VAL B 135 -12.01 5.26 -0.72
CA VAL B 135 -11.10 4.35 -0.04
C VAL B 135 -10.68 4.91 1.31
N GLU B 136 -10.47 6.23 1.37
CA GLU B 136 -10.22 6.91 2.64
C GLU B 136 -11.40 6.69 3.58
N ASP B 137 -12.62 6.78 3.05
CA ASP B 137 -13.79 6.59 3.90
C ASP B 137 -13.83 5.20 4.48
N PHE B 138 -13.42 4.19 3.70
CA PHE B 138 -13.40 2.83 4.20
C PHE B 138 -12.33 2.63 5.27
N ASN B 139 -11.15 3.20 5.07
CA ASN B 139 -10.09 3.08 6.08
C ASN B 139 -10.50 3.78 7.37
N LYS B 140 -11.20 4.90 7.24
CA LYS B 140 -11.73 5.58 8.42
C LYS B 140 -12.75 4.69 9.14
N TRP B 141 -13.63 4.06 8.36
CA TRP B 141 -14.58 3.10 8.91
C TRP B 141 -13.87 1.95 9.61
N LYS B 142 -12.76 1.48 9.04
CA LYS B 142 -12.12 0.30 9.60
C LYS B 142 -11.42 0.62 10.91
N TYR B 143 -10.77 1.79 11.00
CA TYR B 143 -10.28 2.25 12.30
C TYR B 143 -11.44 2.32 13.31
N GLU B 144 -12.56 2.90 12.91
CA GLU B 144 -13.59 3.24 13.87
C GLU B 144 -14.33 2.02 14.41
N ILE B 145 -14.59 1.02 13.57
CA ILE B 145 -15.21 -0.21 14.09
C ILE B 145 -14.28 -0.88 15.09
N PHE B 146 -12.98 -0.83 14.84
CA PHE B 146 -11.97 -1.34 15.78
C PHE B 146 -12.00 -0.56 17.08
N ALA B 147 -11.95 0.78 16.98
CA ALA B 147 -12.08 1.63 18.15
C ALA B 147 -13.40 1.40 18.90
N GLU B 148 -14.48 1.12 18.16
CA GLU B 148 -15.75 0.88 18.85
C GLU B 148 -15.68 -0.35 19.74
N TYR B 149 -15.04 -1.41 19.27
CA TYR B 149 -14.92 -2.59 20.12
C TYR B 149 -13.88 -2.40 21.21
N LEU B 150 -12.91 -1.50 21.01
CA LEU B 150 -11.73 -1.50 21.89
C LEU B 150 -11.32 -0.17 22.52
N ALA B 151 -11.99 0.95 22.23
CA ALA B 151 -11.45 2.24 22.67
C ALA B 151 -11.53 2.47 24.17
N GLU B 152 -12.20 1.61 24.93
CA GLU B 152 -12.12 1.72 26.38
C GLU B 152 -11.02 0.84 26.97
N GLU B 153 -10.50 -0.12 26.21
CA GLU B 153 -9.40 -0.97 26.63
C GLU B 153 -8.06 -0.54 26.05
N ILE B 154 -8.05 0.26 24.99
CA ILE B 154 -6.82 0.63 24.31
C ILE B 154 -6.85 2.12 24.07
N ASN B 155 -5.83 2.85 24.56
CA ASN B 155 -5.80 4.29 24.34
C ASN B 155 -5.58 4.62 22.87
N ASN B 156 -5.88 5.89 22.52
CA ASN B 156 -5.86 6.31 21.12
C ASN B 156 -4.52 6.06 20.46
N ALA B 157 -3.42 6.28 21.19
CA ALA B 157 -2.10 6.16 20.54
C ALA B 157 -1.84 4.75 20.07
N ARG B 158 -2.15 3.78 20.91
CA ARG B 158 -1.95 2.38 20.56
C ARG B 158 -2.92 1.92 19.50
N LEU B 159 -4.15 2.42 19.54
CA LEU B 159 -5.08 2.15 18.44
C LEU B 159 -4.50 2.61 17.11
N ARG B 160 -3.96 3.83 17.07
CA ARG B 160 -3.41 4.34 15.82
C ARG B 160 -2.21 3.51 15.36
N ILE B 161 -1.35 3.11 16.30
CA ILE B 161 -0.19 2.30 15.93
C ILE B 161 -0.64 0.93 15.41
N ILE B 162 -1.58 0.29 16.10
CA ILE B 162 -1.97 -1.07 15.71
C ILE B 162 -2.65 -1.06 14.35
N VAL B 163 -3.55 -0.11 14.12
CA VAL B 163 -4.26 -0.07 12.84
C VAL B 163 -3.30 0.24 11.70
N SER B 164 -2.34 1.12 11.94
CA SER B 164 -1.36 1.41 10.90
C SER B 164 -0.41 0.24 10.69
N ALA B 165 -0.08 -0.50 11.75
CA ALA B 165 0.73 -1.70 11.57
C ALA B 165 -0.04 -2.76 10.78
N MET B 166 -1.35 -2.91 11.03
CA MET B 166 -2.12 -3.80 10.17
C MET B 166 -2.21 -3.30 8.74
N ASN B 167 -2.32 -1.98 8.55
CA ASN B 167 -2.30 -1.52 7.16
C ASN B 167 -0.94 -1.75 6.49
N GLY B 168 0.15 -1.79 7.26
CA GLY B 168 1.44 -2.07 6.65
C GLY B 168 1.56 -3.50 6.16
N ILE B 169 0.91 -4.43 6.85
CA ILE B 169 0.80 -5.80 6.37
C ILE B 169 0.22 -5.85 4.95
N LEU B 170 -0.64 -4.90 4.60
CA LEU B 170 -1.27 -4.91 3.28
C LEU B 170 -0.42 -4.24 2.20
N LEU B 171 0.68 -3.59 2.55
CA LEU B 171 1.56 -3.06 1.54
C LEU B 171 2.13 -4.22 0.74
N PRO B 172 2.13 -4.15 -0.59
CA PRO B 172 2.72 -5.25 -1.35
C PRO B 172 4.21 -5.34 -1.09
N ALA B 173 4.71 -6.57 -1.16
CA ALA B 173 6.09 -6.92 -0.84
C ALA B 173 6.48 -6.55 0.60
N SER B 174 5.50 -6.41 1.50
CA SER B 174 5.82 -6.19 2.92
C SER B 174 6.54 -7.40 3.48
N THR B 175 7.46 -7.17 4.40
CA THR B 175 8.24 -8.26 4.98
C THR B 175 8.43 -7.98 6.48
N TYR B 176 9.04 -8.92 7.18
CA TYR B 176 9.24 -8.83 8.63
C TYR B 176 7.94 -8.48 9.34
N LEU B 177 6.90 -9.21 8.99
CA LEU B 177 5.56 -8.86 9.46
C LEU B 177 5.42 -9.04 10.97
N PRO B 178 4.73 -8.12 11.65
CA PRO B 178 4.41 -8.35 13.06
C PRO B 178 3.56 -9.59 13.21
N THR B 179 3.84 -10.37 14.27
CA THR B 179 3.12 -11.59 14.56
C THR B 179 2.00 -11.29 15.53
N TRP B 180 1.13 -12.26 15.71
CA TRP B 180 0.09 -12.13 16.72
C TRP B 180 0.72 -11.94 18.10
N GLU B 181 1.75 -12.71 18.41
CA GLU B 181 2.39 -12.56 19.71
C GLU B 181 2.95 -11.15 19.90
N ASP B 182 3.45 -10.52 18.82
CA ASP B 182 3.91 -9.15 18.89
C ASP B 182 2.79 -8.22 19.30
N ILE B 183 1.62 -8.38 18.68
CA ILE B 183 0.50 -7.47 18.88
C ILE B 183 -0.14 -7.68 20.25
N GLU B 184 -0.18 -8.93 20.73
CA GLU B 184 -0.75 -9.20 22.04
C GLU B 184 0.07 -8.55 23.15
N SER B 185 1.38 -8.39 22.92
CA SER B 185 2.25 -7.68 23.86
C SER B 185 1.94 -6.19 23.91
N LEU B 186 1.87 -5.54 22.75
CA LEU B 186 1.37 -4.17 22.68
C LEU B 186 0.10 -4.00 23.50
N TYR B 187 -0.88 -4.88 23.29
CA TYR B 187 -2.13 -4.82 24.03
C TYR B 187 -1.92 -4.98 25.53
N GLY B 188 -1.33 -6.10 25.95
CA GLY B 188 -1.34 -6.45 27.36
C GLY B 188 -0.44 -5.58 28.24
N GLU B 189 0.52 -4.86 27.66
CA GLU B 189 1.46 -4.06 28.45
C GLU B 189 0.81 -2.82 29.05
N GLN B 190 -0.44 -2.54 28.66
CA GLN B 190 -1.09 -1.27 28.92
C GLN B 190 -1.38 -1.17 30.42
N PHE B 191 -0.94 -0.06 31.05
CA PHE B 191 -0.89 -0.01 32.52
C PHE B 191 -2.24 -0.30 33.16
N HIS B 192 -3.34 0.20 32.55
CA HIS B 192 -4.65 -0.02 33.14
C HIS B 192 -5.03 -1.50 33.20
N HIS B 193 -4.35 -2.35 32.41
CA HIS B 193 -4.53 -3.80 32.48
C HIS B 193 -3.93 -4.38 33.74
N HIS B 194 -3.13 -3.61 34.46
CA HIS B 194 -2.37 -4.12 35.60
C HIS B 194 -2.75 -3.46 36.90
N HIS B 195 -3.82 -2.65 36.92
CA HIS B 195 -4.31 -2.01 38.14
C HIS B 195 -5.76 -2.42 38.32
N HIS B 196 -6.01 -3.27 39.32
CA HIS B 196 -7.33 -3.83 39.54
C HIS B 196 -7.59 -4.00 41.02
#